data_1FXU
#
_entry.id   1FXU
#
_cell.length_a   94.110
_cell.length_b   94.110
_cell.length_c   94.110
_cell.angle_alpha   90.00
_cell.angle_beta   90.00
_cell.angle_gamma   90.00
#
_symmetry.space_group_name_H-M   'P 21 3'
#
loop_
_entity.id
_entity.type
_entity.pdbx_description
1 polymer 'PURINE NUCLEOSIDE PHOSPHORYLASE'
2 non-polymer 'MAGNESIUM ION'
3 non-polymer 'ZINC ION'
4 non-polymer 'PHOSPHATE ION'
5 non-polymer 2-AMINO-7-[2-(2-HYDROXY-1-HYDROXYMETHYL-ETHYLAMINO)-ETHYL]-1,7-DIHYDRO-PURIN-6-ONE
6 water water
#
_entity_poly.entity_id   1
_entity_poly.type   'polypeptide(L)'
_entity_poly.pdbx_seq_one_letter_code
;MQNGYTYEDYQDTAKWLLSHTEQRPQVAVICGSGLGGLVNKLTQAQTFDYSEIPNFPESTVPGHAGRLVFGILNGRACVM
MQGRFHMYEGYPFWKVTFPVRVFRLLGVETLVVTNAAGGLNPNFEVGDIMLIRDHINLPGFSGQNPLRGPNEERFGVRFP
AMSDAYDRDMRQKAHSTWKQMGEQRELQEGTYVMLGGPNFETVAECRLLRNLGADAVGMSTVPEVIVARHCGLRVFGFSL
ITNKVIMDTESQGKANHEEVLEAGKQAAQKLEQFVSLLMASIPVSGHTG
;
_entity_poly.pdbx_strand_id   A
#
loop_
_chem_comp.id
_chem_comp.type
_chem_comp.name
_chem_comp.formula
GU7 non-polymer 2-AMINO-7-[2-(2-HYDROXY-1-HYDROXYMETHYL-ETHYLAMINO)-ETHYL]-1,7-DIHYDRO-PURIN-6-ONE 'C10 H16 N6 O3'
MG non-polymer 'MAGNESIUM ION' 'Mg 2'
PO4 non-polymer 'PHOSPHATE ION' 'O4 P -3'
ZN non-polymer 'ZINC ION' 'Zn 2'
#
# COMPACT_ATOMS: atom_id res chain seq x y z
N GLY A 4 10.60 19.80 -0.22
CA GLY A 4 11.43 18.61 0.18
C GLY A 4 12.44 18.16 -0.85
N TYR A 5 11.99 17.45 -1.88
CA TYR A 5 12.90 16.95 -2.91
C TYR A 5 12.70 17.67 -4.24
N THR A 6 13.78 17.75 -5.01
CA THR A 6 13.72 18.35 -6.35
C THR A 6 13.53 17.23 -7.37
N TYR A 7 13.09 17.56 -8.58
CA TYR A 7 12.88 16.55 -9.59
C TYR A 7 14.17 15.71 -9.73
N GLU A 8 15.31 16.40 -9.73
CA GLU A 8 16.61 15.80 -9.86
C GLU A 8 16.88 14.72 -8.83
N ASP A 9 16.40 14.95 -7.61
CA ASP A 9 16.60 13.98 -6.57
C ASP A 9 15.98 12.66 -6.95
N TYR A 10 14.77 12.70 -7.50
CA TYR A 10 14.11 11.47 -7.90
C TYR A 10 14.92 10.82 -9.02
N GLN A 11 15.38 11.64 -9.96
CA GLN A 11 16.18 11.15 -11.07
C GLN A 11 17.43 10.43 -10.56
N ASP A 12 18.20 11.09 -9.70
CA ASP A 12 19.42 10.48 -9.21
C ASP A 12 19.18 9.12 -8.57
N THR A 13 18.10 9.01 -7.78
CA THR A 13 17.84 7.73 -7.14
C THR A 13 17.43 6.71 -8.20
N ALA A 14 16.67 7.16 -9.19
CA ALA A 14 16.24 6.23 -10.23
C ALA A 14 17.48 5.71 -11.00
N LYS A 15 18.34 6.63 -11.43
CA LYS A 15 19.57 6.24 -12.14
C LYS A 15 20.42 5.31 -11.27
N TRP A 16 20.50 5.56 -9.98
CA TRP A 16 21.28 4.69 -9.11
C TRP A 16 20.68 3.26 -9.13
N LEU A 17 19.37 3.13 -9.04
CA LEU A 17 18.80 1.79 -9.06
C LEU A 17 19.01 1.11 -10.41
N LEU A 18 18.75 1.83 -11.49
CA LEU A 18 18.90 1.27 -12.83
C LEU A 18 20.31 0.75 -13.11
N SER A 19 21.31 1.36 -12.47
CA SER A 19 22.66 0.89 -12.75
C SER A 19 23.19 -0.10 -11.72
N HIS A 20 22.36 -0.54 -10.78
CA HIS A 20 22.81 -1.53 -9.80
C HIS A 20 22.10 -2.87 -9.89
N THR A 21 21.18 -2.97 -10.84
CA THR A 21 20.47 -4.24 -11.04
C THR A 21 20.04 -4.29 -12.50
N GLU A 22 19.91 -5.48 -13.04
CA GLU A 22 19.50 -5.61 -14.43
C GLU A 22 17.98 -5.65 -14.53
N GLN A 23 17.31 -5.86 -13.40
CA GLN A 23 15.86 -5.95 -13.32
C GLN A 23 15.16 -4.68 -13.77
N ARG A 24 14.12 -4.80 -14.57
CA ARG A 24 13.36 -3.65 -15.06
C ARG A 24 11.87 -3.97 -14.76
N PRO A 25 11.44 -3.68 -13.53
CA PRO A 25 10.06 -3.93 -13.10
C PRO A 25 8.97 -3.16 -13.81
N GLN A 26 7.83 -3.80 -13.97
CA GLN A 26 6.65 -3.22 -14.62
C GLN A 26 5.63 -2.91 -13.52
N VAL A 27 5.74 -3.62 -12.40
CA VAL A 27 4.84 -3.38 -11.30
C VAL A 27 5.57 -3.23 -9.97
N ALA A 28 5.03 -2.37 -9.13
CA ALA A 28 5.60 -2.09 -7.82
C ALA A 28 4.62 -2.56 -6.76
N VAL A 29 5.12 -3.21 -5.71
CA VAL A 29 4.20 -3.62 -4.65
C VAL A 29 4.68 -3.06 -3.30
N ILE A 30 3.80 -2.39 -2.57
CA ILE A 30 4.18 -1.88 -1.28
C ILE A 30 3.57 -2.79 -0.23
N CYS A 31 4.40 -3.52 0.52
CA CYS A 31 3.88 -4.43 1.54
C CYS A 31 3.73 -3.78 2.90
N GLY A 32 2.53 -3.92 3.48
CA GLY A 32 2.22 -3.37 4.78
C GLY A 32 2.69 -4.22 5.96
N SER A 33 2.21 -3.85 7.15
CA SER A 33 2.55 -4.53 8.40
C SER A 33 2.20 -6.02 8.35
N GLY A 34 3.22 -6.87 8.52
CA GLY A 34 3.03 -8.31 8.51
C GLY A 34 2.76 -8.90 7.14
N LEU A 35 3.07 -8.14 6.11
CA LEU A 35 2.84 -8.59 4.73
C LEU A 35 4.16 -8.74 4.01
N GLY A 36 5.26 -8.64 4.76
CA GLY A 36 6.59 -8.76 4.20
C GLY A 36 6.91 -10.09 3.56
N GLY A 37 6.29 -11.16 4.05
CA GLY A 37 6.54 -12.48 3.51
C GLY A 37 6.36 -12.64 2.01
N LEU A 38 5.58 -11.76 1.39
CA LEU A 38 5.33 -11.81 -0.05
C LEU A 38 6.63 -11.86 -0.88
N VAL A 39 7.71 -11.34 -0.30
CA VAL A 39 9.03 -11.30 -0.95
C VAL A 39 9.68 -12.66 -1.28
N ASN A 40 9.32 -13.73 -0.56
CA ASN A 40 9.88 -15.05 -0.87
C ASN A 40 9.14 -15.44 -2.13
N LYS A 41 9.51 -16.56 -2.72
CA LYS A 41 8.80 -16.96 -3.93
C LYS A 41 9.12 -16.03 -5.11
N LEU A 42 9.81 -14.94 -4.82
CA LEU A 42 10.22 -14.00 -5.85
C LEU A 42 11.45 -14.70 -6.39
N THR A 43 11.61 -14.83 -7.69
CA THR A 43 12.83 -15.48 -8.17
C THR A 43 13.79 -14.44 -8.75
N GLN A 44 15.07 -14.80 -8.82
CA GLN A 44 16.10 -13.89 -9.32
C GLN A 44 16.07 -12.57 -8.56
N ALA A 45 15.79 -12.67 -7.26
CA ALA A 45 15.67 -11.53 -6.39
C ALA A 45 16.95 -10.77 -6.12
N GLN A 46 16.82 -9.45 -6.00
CA GLN A 46 17.95 -8.60 -5.66
C GLN A 46 17.41 -7.67 -4.58
N THR A 47 18.12 -7.62 -3.48
CA THR A 47 17.73 -6.82 -2.33
C THR A 47 18.64 -5.64 -2.07
N PHE A 48 18.03 -4.50 -1.72
CA PHE A 48 18.76 -3.30 -1.35
C PHE A 48 18.15 -2.87 -0.01
N ASP A 49 18.98 -2.51 0.96
CA ASP A 49 18.43 -2.03 2.23
C ASP A 49 18.12 -0.59 1.94
N TYR A 50 17.00 -0.08 2.46
CA TYR A 50 16.67 1.30 2.21
C TYR A 50 17.86 2.22 2.50
N SER A 51 18.64 1.87 3.52
CA SER A 51 19.75 2.71 3.93
C SER A 51 20.92 2.81 2.96
N GLU A 52 20.98 1.93 1.98
CA GLU A 52 22.08 2.01 1.04
C GLU A 52 21.69 2.73 -0.27
N ILE A 53 20.41 3.06 -0.41
CA ILE A 53 19.89 3.72 -1.61
C ILE A 53 19.84 5.21 -1.37
N PRO A 54 20.52 5.99 -2.19
CA PRO A 54 20.53 7.45 -2.03
C PRO A 54 19.14 8.07 -1.93
N ASN A 55 19.00 9.00 -0.99
CA ASN A 55 17.74 9.72 -0.73
C ASN A 55 16.54 8.94 -0.14
N PHE A 56 16.66 7.64 0.10
CA PHE A 56 15.53 6.87 0.67
C PHE A 56 15.41 7.09 2.18
N PRO A 57 14.16 7.05 2.71
CA PRO A 57 13.83 7.22 4.13
C PRO A 57 14.05 5.85 4.76
N GLU A 58 13.88 5.75 6.08
CA GLU A 58 14.09 4.48 6.78
C GLU A 58 12.83 3.96 7.49
N SER A 59 12.63 2.63 7.47
CA SER A 59 11.48 1.99 8.15
C SER A 59 11.85 1.83 9.61
N THR A 60 11.06 2.39 10.53
CA THR A 60 11.38 2.27 11.95
C THR A 60 10.37 1.41 12.73
N VAL A 61 9.28 1.05 12.06
CA VAL A 61 8.21 0.27 12.67
C VAL A 61 8.42 -1.24 12.63
N PRO A 62 8.13 -1.90 13.77
CA PRO A 62 8.27 -3.35 13.88
C PRO A 62 7.42 -4.00 12.79
N GLY A 63 8.00 -4.93 12.04
CA GLY A 63 7.27 -5.60 10.98
C GLY A 63 7.59 -5.10 9.59
N HIS A 64 8.43 -4.06 9.51
CA HIS A 64 8.82 -3.48 8.22
C HIS A 64 10.32 -3.63 8.09
N ALA A 65 10.75 -4.60 7.28
CA ALA A 65 12.17 -4.88 7.08
C ALA A 65 12.98 -3.66 6.66
N GLY A 66 12.45 -2.90 5.70
CA GLY A 66 13.16 -1.74 5.20
C GLY A 66 14.05 -2.16 4.05
N ARG A 67 13.53 -3.01 3.18
CA ARG A 67 14.29 -3.49 2.03
C ARG A 67 13.52 -3.31 0.72
N LEU A 68 14.23 -2.98 -0.35
CA LEU A 68 13.63 -2.85 -1.67
C LEU A 68 14.08 -4.15 -2.37
N VAL A 69 13.12 -4.91 -2.87
CA VAL A 69 13.43 -6.19 -3.50
C VAL A 69 12.95 -6.30 -4.96
N PHE A 70 13.87 -6.55 -5.89
CA PHE A 70 13.54 -6.73 -7.31
C PHE A 70 13.51 -8.22 -7.61
N GLY A 71 12.60 -8.63 -8.49
CA GLY A 71 12.51 -10.04 -8.83
C GLY A 71 11.39 -10.36 -9.79
N ILE A 72 11.24 -11.65 -10.09
CA ILE A 72 10.18 -12.14 -10.97
C ILE A 72 9.16 -12.80 -10.04
N LEU A 73 7.89 -12.45 -10.13
CA LEU A 73 6.94 -13.08 -9.21
C LEU A 73 6.19 -14.26 -9.80
N ASN A 74 5.46 -14.06 -10.89
CA ASN A 74 4.75 -15.21 -11.48
C ASN A 74 4.88 -14.92 -12.95
N GLY A 75 6.14 -14.90 -13.40
CA GLY A 75 6.47 -14.60 -14.78
C GLY A 75 6.46 -13.09 -15.01
N ARG A 76 6.26 -12.33 -13.93
CA ARG A 76 6.19 -10.87 -14.02
C ARG A 76 7.27 -10.12 -13.20
N ALA A 77 8.00 -9.25 -13.88
CA ALA A 77 9.06 -8.49 -13.22
C ALA A 77 8.46 -7.42 -12.30
N CYS A 78 8.88 -7.43 -11.04
CA CYS A 78 8.36 -6.42 -10.14
C CYS A 78 9.33 -6.01 -9.04
N VAL A 79 8.97 -4.93 -8.37
CA VAL A 79 9.78 -4.42 -7.29
C VAL A 79 8.89 -4.26 -6.04
N MET A 80 9.39 -4.74 -4.93
CA MET A 80 8.63 -4.68 -3.72
C MET A 80 9.28 -3.94 -2.57
N MET A 81 8.45 -3.16 -1.90
CA MET A 81 8.83 -2.43 -0.71
C MET A 81 8.42 -3.34 0.46
N GLN A 82 9.42 -3.96 1.08
CA GLN A 82 9.20 -4.82 2.21
C GLN A 82 9.33 -3.84 3.36
N GLY A 83 8.22 -3.21 3.70
CA GLY A 83 8.23 -2.22 4.75
C GLY A 83 7.90 -0.90 4.11
N ARG A 84 7.22 -0.04 4.85
CA ARG A 84 6.82 1.23 4.27
C ARG A 84 7.09 2.32 5.28
N PHE A 85 6.61 3.54 5.00
CA PHE A 85 6.80 4.67 5.89
C PHE A 85 5.43 5.24 6.31
N HIS A 86 5.35 5.74 7.52
CA HIS A 86 4.10 6.29 8.06
C HIS A 86 4.34 7.69 8.62
N MET A 87 3.29 8.48 8.57
CA MET A 87 3.32 9.83 9.06
C MET A 87 3.60 9.88 10.58
N TYR A 88 3.06 8.92 11.32
CA TYR A 88 3.26 8.91 12.78
C TYR A 88 4.71 8.68 13.17
N GLU A 89 5.51 8.18 12.22
CA GLU A 89 6.93 7.93 12.49
C GLU A 89 7.63 9.28 12.55
N GLY A 90 7.01 10.30 11.97
CA GLY A 90 7.59 11.63 11.97
C GLY A 90 7.88 12.18 10.57
N TYR A 91 7.59 11.41 9.53
CA TYR A 91 7.85 11.85 8.16
C TYR A 91 6.70 12.65 7.57
N PRO A 92 7.02 13.73 6.84
CA PRO A 92 5.99 14.56 6.18
C PRO A 92 5.59 13.71 4.97
N PHE A 93 4.41 13.92 4.40
CA PHE A 93 3.99 13.10 3.28
C PHE A 93 4.93 13.11 2.09
N TRP A 94 5.70 14.18 1.87
CA TRP A 94 6.61 14.19 0.74
C TRP A 94 7.77 13.20 0.93
N LYS A 95 7.97 12.73 2.17
CA LYS A 95 9.00 11.72 2.39
C LYS A 95 8.34 10.34 2.33
N VAL A 96 7.13 10.24 2.89
CA VAL A 96 6.42 8.96 2.87
C VAL A 96 6.21 8.46 1.45
N THR A 97 6.02 9.38 0.51
CA THR A 97 5.71 8.99 -0.85
C THR A 97 6.86 9.06 -1.85
N PHE A 98 8.07 9.32 -1.37
CA PHE A 98 9.24 9.46 -2.25
C PHE A 98 9.43 8.26 -3.17
N PRO A 99 9.28 7.05 -2.63
CA PRO A 99 9.46 5.89 -3.48
C PRO A 99 8.52 5.81 -4.69
N VAL A 100 7.28 6.31 -4.54
CA VAL A 100 6.29 6.20 -5.62
C VAL A 100 6.72 6.92 -6.89
N ARG A 101 7.31 8.11 -6.74
CA ARG A 101 7.81 8.86 -7.89
C ARG A 101 9.07 8.21 -8.47
N VAL A 102 9.86 7.57 -7.62
CA VAL A 102 11.06 6.89 -8.12
C VAL A 102 10.58 5.76 -9.03
N PHE A 103 9.62 4.97 -8.56
CA PHE A 103 9.08 3.86 -9.35
C PHE A 103 8.58 4.31 -10.72
N ARG A 104 7.92 5.46 -10.78
CA ARG A 104 7.44 5.99 -12.05
C ARG A 104 8.65 6.29 -12.94
N LEU A 105 9.74 6.76 -12.34
CA LEU A 105 10.93 7.06 -13.11
C LEU A 105 11.69 5.80 -13.57
N LEU A 106 11.36 4.62 -13.02
CA LEU A 106 12.00 3.37 -13.45
C LEU A 106 11.20 2.74 -14.60
N GLY A 107 10.01 3.26 -14.85
CA GLY A 107 9.21 2.69 -15.90
C GLY A 107 8.08 1.83 -15.40
N VAL A 108 7.82 1.88 -14.09
CA VAL A 108 6.73 1.11 -13.52
C VAL A 108 5.42 1.74 -13.97
N GLU A 109 4.44 0.90 -14.24
CA GLU A 109 3.13 1.36 -14.69
C GLU A 109 1.99 1.06 -13.71
N THR A 110 2.16 0.02 -12.93
CA THR A 110 1.14 -0.38 -11.98
C THR A 110 1.67 -0.44 -10.56
N LEU A 111 0.87 0.07 -9.64
CA LEU A 111 1.24 0.06 -8.22
C LEU A 111 0.21 -0.77 -7.44
N VAL A 112 0.68 -1.67 -6.60
CA VAL A 112 -0.21 -2.47 -5.81
C VAL A 112 0.08 -2.03 -4.37
N VAL A 113 -0.95 -1.55 -3.66
CA VAL A 113 -0.75 -1.13 -2.27
C VAL A 113 -1.44 -2.13 -1.39
N THR A 114 -0.85 -2.35 -0.23
CA THR A 114 -1.36 -3.36 0.68
C THR A 114 -1.18 -2.85 2.10
N ASN A 115 -2.05 -3.27 3.02
CA ASN A 115 -1.93 -2.88 4.41
C ASN A 115 -2.76 -3.80 5.28
N ALA A 116 -2.58 -3.63 6.59
CA ALA A 116 -3.31 -4.34 7.62
C ALA A 116 -4.18 -3.21 8.18
N ALA A 117 -5.45 -3.49 8.45
CA ALA A 117 -6.36 -2.47 8.91
C ALA A 117 -7.40 -3.05 9.85
N GLY A 118 -8.06 -2.14 10.56
CA GLY A 118 -9.10 -2.57 11.47
C GLY A 118 -10.40 -2.61 10.73
N GLY A 119 -11.23 -3.61 11.03
CA GLY A 119 -12.52 -3.74 10.38
C GLY A 119 -13.63 -3.00 11.10
N LEU A 120 -14.29 -2.09 10.39
CA LEU A 120 -15.38 -1.29 10.93
C LEU A 120 -16.72 -1.91 10.52
N ASN A 121 -16.77 -2.41 9.29
CA ASN A 121 -17.96 -3.05 8.73
C ASN A 121 -18.16 -4.30 9.56
N PRO A 122 -19.29 -4.39 10.29
CA PRO A 122 -19.57 -5.55 11.13
C PRO A 122 -19.62 -6.91 10.43
N ASN A 123 -19.73 -6.91 9.09
CA ASN A 123 -19.76 -8.18 8.34
C ASN A 123 -18.37 -8.75 8.08
N PHE A 124 -17.34 -7.99 8.42
CA PHE A 124 -15.96 -8.42 8.21
C PHE A 124 -15.47 -9.36 9.31
N GLU A 125 -14.64 -10.32 8.95
CA GLU A 125 -14.09 -11.25 9.94
C GLU A 125 -12.58 -11.15 9.92
N VAL A 126 -11.97 -11.37 11.08
CA VAL A 126 -10.52 -11.34 11.14
C VAL A 126 -10.02 -12.29 10.05
N GLY A 127 -8.96 -11.90 9.35
CA GLY A 127 -8.45 -12.73 8.26
C GLY A 127 -9.01 -12.39 6.89
N ASP A 128 -10.10 -11.61 6.83
CA ASP A 128 -10.67 -11.24 5.55
C ASP A 128 -9.75 -10.37 4.71
N ILE A 129 -10.00 -10.39 3.42
CA ILE A 129 -9.26 -9.55 2.51
C ILE A 129 -10.27 -8.60 1.90
N MET A 130 -9.99 -7.31 2.01
CA MET A 130 -10.87 -6.32 1.46
C MET A 130 -10.21 -5.54 0.33
N LEU A 131 -10.84 -5.56 -0.84
CA LEU A 131 -10.34 -4.79 -1.98
C LEU A 131 -10.71 -3.36 -1.65
N ILE A 132 -9.79 -2.43 -1.93
CA ILE A 132 -10.06 -1.01 -1.65
C ILE A 132 -10.73 -0.42 -2.88
N ARG A 133 -12.03 -0.14 -2.77
CA ARG A 133 -12.81 0.45 -3.86
C ARG A 133 -12.71 1.98 -3.78
N ASP A 134 -12.38 2.51 -2.61
CA ASP A 134 -12.33 3.97 -2.47
C ASP A 134 -11.72 4.31 -1.11
N HIS A 135 -11.35 5.59 -0.91
CA HIS A 135 -10.80 5.97 0.40
C HIS A 135 -11.30 7.30 0.95
N ILE A 136 -11.06 7.52 2.24
CA ILE A 136 -11.42 8.80 2.84
C ILE A 136 -10.09 9.29 3.43
N ASN A 137 -9.64 10.46 3.01
CA ASN A 137 -8.35 11.03 3.45
C ASN A 137 -8.60 12.07 4.54
N LEU A 138 -8.62 11.67 5.80
CA LEU A 138 -8.88 12.63 6.84
C LEU A 138 -7.82 13.71 6.94
N PRO A 139 -6.53 13.35 6.87
CA PRO A 139 -5.47 14.36 6.97
C PRO A 139 -5.57 15.38 5.84
N GLY A 140 -6.05 14.91 4.68
CA GLY A 140 -6.18 15.79 3.55
C GLY A 140 -7.25 16.84 3.81
N PHE A 141 -8.24 16.51 4.63
CA PHE A 141 -9.29 17.46 4.93
C PHE A 141 -8.67 18.71 5.54
N SER A 142 -7.61 18.52 6.31
CA SER A 142 -6.96 19.65 6.98
C SER A 142 -5.77 20.23 6.23
N GLY A 143 -5.44 19.67 5.07
CA GLY A 143 -4.32 20.24 4.36
C GLY A 143 -3.04 19.44 4.35
N GLN A 144 -2.98 18.36 5.13
CA GLN A 144 -1.77 17.51 5.14
C GLN A 144 -1.90 16.66 3.88
N ASN A 145 -1.14 17.03 2.87
CA ASN A 145 -1.24 16.33 1.61
C ASN A 145 0.13 16.28 0.95
N PRO A 146 0.49 15.13 0.36
CA PRO A 146 1.81 15.08 -0.29
C PRO A 146 2.03 16.05 -1.48
N LEU A 147 0.92 16.54 -2.05
CA LEU A 147 0.96 17.44 -3.21
C LEU A 147 0.97 18.93 -2.79
N ARG A 148 0.96 19.17 -1.49
CA ARG A 148 0.95 20.54 -1.00
C ARG A 148 2.24 21.27 -1.38
N GLY A 149 2.12 22.47 -1.93
CA GLY A 149 3.29 23.24 -2.32
C GLY A 149 3.31 23.43 -3.84
N PRO A 150 4.40 23.98 -4.40
CA PRO A 150 4.43 24.17 -5.86
C PRO A 150 4.32 22.81 -6.57
N ASN A 151 3.54 22.79 -7.65
CA ASN A 151 3.32 21.56 -8.42
C ASN A 151 4.46 21.26 -9.39
N GLU A 152 4.83 19.98 -9.49
CA GLU A 152 5.89 19.60 -10.42
C GLU A 152 5.22 19.11 -11.70
N GLU A 153 5.15 19.99 -12.70
CA GLU A 153 4.50 19.66 -13.97
C GLU A 153 5.00 18.37 -14.60
N ARG A 154 6.27 18.03 -14.37
CA ARG A 154 6.81 16.82 -14.94
C ARG A 154 6.19 15.54 -14.37
N PHE A 155 5.55 15.62 -13.22
CA PHE A 155 4.90 14.43 -12.67
C PHE A 155 3.43 14.42 -13.02
N GLY A 156 2.74 15.53 -12.78
CA GLY A 156 1.33 15.57 -13.10
C GLY A 156 0.79 16.98 -13.01
N VAL A 157 -0.54 17.08 -13.04
CA VAL A 157 -1.24 18.34 -13.01
C VAL A 157 -1.48 18.93 -11.61
N ARG A 158 -1.75 20.22 -11.58
CA ARG A 158 -2.01 20.94 -10.35
C ARG A 158 -3.18 20.37 -9.54
N PHE A 159 -4.29 20.05 -10.19
CA PHE A 159 -5.47 19.53 -9.48
C PHE A 159 -5.91 18.16 -10.03
N PRO A 160 -5.26 17.06 -9.57
CA PRO A 160 -5.62 15.73 -10.05
C PRO A 160 -6.92 15.23 -9.44
N ALA A 161 -7.70 14.47 -10.23
CA ALA A 161 -8.97 13.93 -9.73
C ALA A 161 -8.68 12.62 -8.99
N MET A 162 -9.44 12.32 -7.94
CA MET A 162 -9.23 11.09 -7.19
C MET A 162 -10.43 10.16 -7.19
N SER A 163 -11.51 10.56 -7.84
CA SER A 163 -12.70 9.72 -7.85
C SER A 163 -12.54 8.35 -8.53
N ASP A 164 -11.54 8.20 -9.39
CA ASP A 164 -11.36 6.91 -10.06
C ASP A 164 -9.99 6.33 -9.71
N ALA A 165 -9.54 6.58 -8.48
CA ALA A 165 -8.22 6.15 -8.03
C ALA A 165 -7.97 4.67 -8.11
N TYR A 166 -8.94 3.86 -7.69
CA TYR A 166 -8.73 2.43 -7.68
C TYR A 166 -9.26 1.76 -8.92
N ASP A 167 -8.35 1.48 -9.84
CA ASP A 167 -8.66 0.87 -11.13
C ASP A 167 -9.77 -0.19 -11.09
N ARG A 168 -10.83 0.08 -11.86
CA ARG A 168 -12.00 -0.81 -11.94
C ARG A 168 -11.71 -2.19 -12.54
N ASP A 169 -10.96 -2.22 -13.64
CA ASP A 169 -10.64 -3.51 -14.29
C ASP A 169 -9.85 -4.46 -13.38
N MET A 170 -8.87 -3.95 -12.65
CA MET A 170 -8.09 -4.80 -11.77
C MET A 170 -8.94 -5.34 -10.63
N ARG A 171 -9.89 -4.55 -10.18
CA ARG A 171 -10.79 -5.00 -9.13
C ARG A 171 -11.63 -6.15 -9.70
N GLN A 172 -12.12 -5.99 -10.93
CA GLN A 172 -12.90 -7.08 -11.56
C GLN A 172 -12.03 -8.33 -11.64
N LYS A 173 -10.80 -8.19 -12.13
CA LYS A 173 -9.86 -9.31 -12.24
C LYS A 173 -9.55 -9.99 -10.90
N ALA A 174 -9.47 -9.18 -9.84
CA ALA A 174 -9.20 -9.70 -8.51
C ALA A 174 -10.37 -10.60 -8.12
N HIS A 175 -11.58 -10.21 -8.47
CA HIS A 175 -12.75 -11.01 -8.12
C HIS A 175 -12.77 -12.35 -8.86
N SER A 176 -12.38 -12.34 -10.12
CA SER A 176 -12.31 -13.56 -10.90
C SER A 176 -11.22 -14.46 -10.36
N THR A 177 -10.05 -13.89 -10.07
CA THR A 177 -8.94 -14.70 -9.55
C THR A 177 -9.32 -15.40 -8.24
N TRP A 178 -10.02 -14.68 -7.38
CA TRP A 178 -10.41 -15.21 -6.11
C TRP A 178 -11.32 -16.42 -6.25
N LYS A 179 -12.23 -16.40 -7.22
CA LYS A 179 -13.12 -17.54 -7.42
C LYS A 179 -12.34 -18.75 -7.88
N GLN A 180 -11.27 -18.54 -8.62
CA GLN A 180 -10.47 -19.67 -9.09
C GLN A 180 -9.72 -20.31 -7.95
N MET A 181 -9.61 -19.61 -6.82
CA MET A 181 -8.90 -20.16 -5.67
C MET A 181 -9.80 -21.05 -4.80
N GLY A 182 -11.10 -21.08 -5.12
CA GLY A 182 -12.02 -21.89 -4.35
C GLY A 182 -12.13 -21.53 -2.88
N GLU A 183 -11.85 -20.29 -2.52
CA GLU A 183 -11.92 -19.86 -1.12
C GLU A 183 -13.34 -19.96 -0.56
N GLN A 184 -13.41 -20.30 0.72
CA GLN A 184 -14.70 -20.43 1.40
C GLN A 184 -15.28 -19.04 1.67
N ARG A 185 -14.41 -18.13 2.11
CA ARG A 185 -14.79 -16.76 2.41
C ARG A 185 -14.86 -15.99 1.10
N GLU A 186 -15.75 -15.02 1.01
CA GLU A 186 -15.84 -14.23 -0.19
C GLU A 186 -14.91 -13.03 -0.09
N LEU A 187 -14.56 -12.49 -1.25
CA LEU A 187 -13.67 -11.35 -1.32
C LEU A 187 -14.47 -10.10 -0.93
N GLN A 188 -14.05 -9.43 0.15
CA GLN A 188 -14.72 -8.21 0.57
C GLN A 188 -14.24 -7.04 -0.30
N GLU A 189 -14.93 -5.91 -0.21
CA GLU A 189 -14.61 -4.73 -0.99
C GLU A 189 -15.17 -3.54 -0.24
N GLY A 190 -14.39 -2.47 -0.08
CA GLY A 190 -14.92 -1.34 0.67
C GLY A 190 -14.08 -0.08 0.68
N THR A 191 -14.49 0.87 1.51
CA THR A 191 -13.81 2.16 1.64
C THR A 191 -12.84 2.16 2.81
N TYR A 192 -11.61 2.56 2.52
CA TYR A 192 -10.58 2.61 3.54
C TYR A 192 -10.45 4.03 4.06
N VAL A 193 -10.33 4.20 5.37
CA VAL A 193 -10.18 5.55 5.86
C VAL A 193 -8.83 5.67 6.57
N MET A 194 -8.12 6.76 6.30
CA MET A 194 -6.86 6.95 6.95
C MET A 194 -6.86 8.03 8.02
N LEU A 195 -6.27 7.70 9.17
CA LEU A 195 -6.10 8.70 10.22
C LEU A 195 -4.62 8.69 10.58
N GLY A 196 -4.19 9.65 11.39
CA GLY A 196 -2.78 9.78 11.74
C GLY A 196 -2.00 8.76 12.55
N GLY A 197 -2.61 8.23 13.61
CA GLY A 197 -1.90 7.31 14.47
C GLY A 197 -0.96 8.13 15.34
N PRO A 198 -0.08 7.50 16.13
CA PRO A 198 0.12 6.05 16.25
C PRO A 198 -0.79 5.32 17.24
N ASN A 199 -1.55 6.05 18.06
CA ASN A 199 -2.43 5.38 19.01
C ASN A 199 -3.57 4.73 18.25
N PHE A 200 -4.21 3.77 18.90
CA PHE A 200 -5.37 3.08 18.33
C PHE A 200 -6.59 3.89 18.75
N GLU A 201 -7.65 3.79 17.96
CA GLU A 201 -8.89 4.54 18.15
C GLU A 201 -9.71 4.24 19.40
N THR A 202 -10.54 5.20 19.79
CA THR A 202 -11.43 4.98 20.94
C THR A 202 -12.74 4.42 20.39
N VAL A 203 -13.65 4.04 21.28
CA VAL A 203 -14.92 3.52 20.80
C VAL A 203 -15.68 4.66 20.13
N ALA A 204 -15.68 5.84 20.71
CA ALA A 204 -16.44 6.91 20.07
C ALA A 204 -15.88 7.25 18.70
N GLU A 205 -14.57 7.11 18.51
CA GLU A 205 -13.98 7.42 17.23
C GLU A 205 -14.40 6.38 16.17
N CYS A 206 -14.38 5.10 16.54
CA CYS A 206 -14.78 4.03 15.63
C CYS A 206 -16.23 4.15 15.21
N ARG A 207 -17.11 4.49 16.14
CA ARG A 207 -18.52 4.63 15.78
C ARG A 207 -18.62 5.68 14.70
N LEU A 208 -17.95 6.78 14.97
CA LEU A 208 -17.92 7.92 14.08
C LEU A 208 -17.40 7.55 12.68
N LEU A 209 -16.30 6.80 12.63
CA LEU A 209 -15.73 6.41 11.34
C LEU A 209 -16.69 5.56 10.54
N ARG A 210 -17.36 4.65 11.25
CA ARG A 210 -18.32 3.77 10.61
C ARG A 210 -19.47 4.54 10.05
N ASN A 211 -20.00 5.49 10.83
CA ASN A 211 -21.11 6.30 10.36
C ASN A 211 -20.78 7.21 9.16
N LEU A 212 -19.50 7.46 8.94
CA LEU A 212 -19.05 8.29 7.82
C LEU A 212 -18.95 7.42 6.56
N GLY A 213 -19.21 6.12 6.70
CA GLY A 213 -19.18 5.20 5.58
C GLY A 213 -17.89 4.40 5.40
N ALA A 214 -17.02 4.38 6.41
CA ALA A 214 -15.78 3.64 6.28
C ALA A 214 -15.91 2.15 6.63
N ASP A 215 -15.19 1.31 5.89
CA ASP A 215 -15.24 -0.14 6.15
C ASP A 215 -13.98 -0.65 6.84
N ALA A 216 -12.89 0.10 6.73
CA ALA A 216 -11.64 -0.32 7.35
C ALA A 216 -10.81 0.90 7.70
N VAL A 217 -10.02 0.81 8.77
CA VAL A 217 -9.19 1.95 9.18
C VAL A 217 -7.72 1.61 9.26
N GLY A 218 -6.90 2.54 8.87
CA GLY A 218 -5.46 2.36 8.93
C GLY A 218 -4.74 3.69 9.05
N MET A 219 -3.41 3.64 9.01
CA MET A 219 -2.57 4.83 9.14
C MET A 219 -1.60 4.97 7.99
N SER A 220 -1.97 4.45 6.82
CA SER A 220 -1.07 4.55 5.67
C SER A 220 -1.82 4.50 4.37
N THR A 221 -1.08 4.14 3.33
CA THR A 221 -1.63 3.93 2.00
C THR A 221 -2.18 5.08 1.17
N VAL A 222 -3.08 5.87 1.76
CA VAL A 222 -3.71 7.00 1.03
C VAL A 222 -2.69 7.99 0.42
N PRO A 223 -1.66 8.42 1.20
CA PRO A 223 -0.70 9.36 0.63
C PRO A 223 -0.08 8.74 -0.64
N GLU A 224 0.27 7.46 -0.57
CA GLU A 224 0.87 6.77 -1.69
C GLU A 224 -0.05 6.71 -2.94
N VAL A 225 -1.33 6.42 -2.75
CA VAL A 225 -2.27 6.34 -3.86
C VAL A 225 -2.38 7.71 -4.56
N ILE A 226 -2.48 8.75 -3.74
CA ILE A 226 -2.59 10.10 -4.26
C ILE A 226 -1.42 10.44 -5.18
N VAL A 227 -0.20 10.34 -4.66
CA VAL A 227 0.98 10.62 -5.45
C VAL A 227 1.03 9.72 -6.71
N ALA A 228 0.60 8.46 -6.56
CA ALA A 228 0.60 7.50 -7.66
C ALA A 228 -0.36 7.96 -8.75
N ARG A 229 -1.56 8.34 -8.36
CA ARG A 229 -2.47 8.79 -9.37
C ARG A 229 -1.96 10.09 -10.01
N HIS A 230 -1.37 10.98 -9.23
CA HIS A 230 -0.84 12.24 -9.77
C HIS A 230 0.19 12.02 -10.88
N CYS A 231 1.09 11.04 -10.73
CA CYS A 231 2.07 10.82 -11.78
C CYS A 231 1.67 9.75 -12.80
N GLY A 232 0.38 9.42 -12.85
CA GLY A 232 -0.09 8.49 -13.86
C GLY A 232 -0.06 6.99 -13.69
N LEU A 233 0.21 6.49 -12.50
CA LEU A 233 0.23 5.04 -12.30
C LEU A 233 -1.17 4.47 -12.09
N ARG A 234 -1.36 3.25 -12.56
CA ARG A 234 -2.61 2.54 -12.38
C ARG A 234 -2.48 2.03 -10.94
N VAL A 235 -3.56 2.01 -10.17
CA VAL A 235 -3.47 1.57 -8.78
C VAL A 235 -4.46 0.50 -8.36
N PHE A 236 -3.96 -0.48 -7.61
CA PHE A 236 -4.78 -1.55 -7.09
C PHE A 236 -4.40 -1.76 -5.63
N GLY A 237 -5.39 -1.96 -4.77
CA GLY A 237 -5.03 -2.18 -3.37
C GLY A 237 -6.00 -2.98 -2.52
N PHE A 238 -5.50 -3.50 -1.40
CA PHE A 238 -6.31 -4.24 -0.47
C PHE A 238 -5.79 -4.21 0.98
N SER A 239 -6.71 -4.37 1.91
CA SER A 239 -6.39 -4.38 3.31
C SER A 239 -6.58 -5.81 3.79
N LEU A 240 -5.73 -6.22 4.72
CA LEU A 240 -5.84 -7.52 5.34
C LEU A 240 -6.51 -7.10 6.64
N ILE A 241 -7.74 -7.54 6.85
CA ILE A 241 -8.45 -7.21 8.06
C ILE A 241 -7.84 -7.95 9.25
N THR A 242 -7.13 -7.23 10.11
CA THR A 242 -6.48 -7.82 11.27
C THR A 242 -7.35 -7.86 12.53
N ASN A 243 -8.47 -7.16 12.56
CA ASN A 243 -9.30 -7.26 13.74
C ASN A 243 -10.60 -6.52 13.64
N LYS A 244 -11.61 -7.02 14.33
CA LYS A 244 -12.89 -6.38 14.35
C LYS A 244 -12.73 -5.31 15.42
N VAL A 245 -13.00 -4.06 15.08
CA VAL A 245 -12.85 -2.98 16.04
C VAL A 245 -14.03 -2.96 17.04
N ILE A 246 -13.72 -2.65 18.30
CA ILE A 246 -14.69 -2.58 19.40
C ILE A 246 -15.62 -1.38 19.25
N MET A 247 -16.92 -1.65 19.18
CA MET A 247 -17.91 -0.58 19.02
C MET A 247 -18.82 -0.40 20.22
N ASP A 248 -18.57 -1.17 21.28
CA ASP A 248 -19.37 -1.07 22.49
C ASP A 248 -18.44 -0.72 23.64
N THR A 249 -18.99 -0.03 24.63
CA THR A 249 -18.22 0.39 25.80
C THR A 249 -18.23 -0.73 26.84
N GLY A 253 -11.71 -6.13 25.14
CA GLY A 253 -10.28 -6.26 24.73
C GLY A 253 -9.66 -4.94 24.28
N LYS A 254 -8.52 -5.00 23.60
CA LYS A 254 -7.86 -3.80 23.11
C LYS A 254 -6.75 -4.07 22.09
N ALA A 255 -6.78 -3.29 21.01
CA ALA A 255 -5.83 -3.42 19.90
C ALA A 255 -4.37 -3.30 20.32
N ASN A 256 -3.52 -4.10 19.67
CA ASN A 256 -2.09 -4.11 19.92
C ASN A 256 -1.39 -4.61 18.66
N HIS A 257 -0.29 -3.97 18.29
CA HIS A 257 0.44 -4.29 17.08
C HIS A 257 0.85 -5.77 16.90
N GLU A 258 1.26 -6.42 17.99
CA GLU A 258 1.68 -7.82 17.99
C GLU A 258 0.58 -8.70 17.40
N GLU A 259 -0.66 -8.41 17.80
CA GLU A 259 -1.81 -9.15 17.30
C GLU A 259 -2.00 -8.90 15.79
N VAL A 260 -1.72 -7.69 15.29
CA VAL A 260 -1.91 -7.46 13.86
C VAL A 260 -0.87 -8.23 13.07
N LEU A 261 0.36 -8.27 13.60
CA LEU A 261 1.45 -9.01 12.95
C LEU A 261 1.15 -10.51 12.97
N GLU A 262 0.57 -10.99 14.05
CA GLU A 262 0.22 -12.40 14.16
C GLU A 262 -0.74 -12.76 13.03
N ALA A 263 -1.75 -11.90 12.82
CA ALA A 263 -2.76 -12.11 11.79
C ALA A 263 -2.13 -12.16 10.39
N GLY A 264 -1.06 -11.40 10.20
CA GLY A 264 -0.39 -11.38 8.92
C GLY A 264 0.29 -12.70 8.62
N LYS A 265 0.91 -13.29 9.64
CA LYS A 265 1.58 -14.58 9.48
C LYS A 265 0.59 -15.66 9.10
N GLN A 266 -0.57 -15.65 9.76
CA GLN A 266 -1.64 -16.63 9.54
C GLN A 266 -2.22 -16.60 8.13
N ALA A 267 -2.27 -15.40 7.53
CA ALA A 267 -2.82 -15.23 6.20
C ALA A 267 -1.76 -15.30 5.08
N ALA A 268 -0.49 -15.48 5.47
CA ALA A 268 0.62 -15.55 4.51
C ALA A 268 0.39 -16.45 3.30
N GLN A 269 -0.03 -17.69 3.54
CA GLN A 269 -0.26 -18.61 2.43
C GLN A 269 -1.31 -18.09 1.46
N LYS A 270 -2.37 -17.47 2.02
CA LYS A 270 -3.49 -16.95 1.25
C LYS A 270 -3.12 -15.71 0.42
N LEU A 271 -2.49 -14.73 1.06
CA LEU A 271 -2.08 -13.52 0.35
C LEU A 271 -1.02 -13.83 -0.70
N GLU A 272 -0.11 -14.74 -0.38
CA GLU A 272 0.93 -15.08 -1.33
C GLU A 272 0.37 -15.66 -2.62
N GLN A 273 -0.52 -16.64 -2.53
CA GLN A 273 -1.07 -17.19 -3.77
C GLN A 273 -1.92 -16.14 -4.46
N PHE A 274 -2.70 -15.40 -3.68
CA PHE A 274 -3.55 -14.37 -4.27
C PHE A 274 -2.75 -13.36 -5.08
N VAL A 275 -1.64 -12.87 -4.53
CA VAL A 275 -0.84 -11.88 -5.26
C VAL A 275 -0.13 -12.50 -6.46
N SER A 276 0.31 -13.74 -6.31
CA SER A 276 0.98 -14.48 -7.37
C SER A 276 0.06 -14.60 -8.56
N LEU A 277 -1.13 -15.16 -8.32
CA LEU A 277 -2.11 -15.34 -9.40
C LEU A 277 -2.44 -14.00 -10.06
N LEU A 278 -2.75 -13.02 -9.23
CA LEU A 278 -3.07 -11.68 -9.68
C LEU A 278 -2.04 -11.12 -10.64
N MET A 279 -0.78 -11.44 -10.39
CA MET A 279 0.28 -10.94 -11.25
C MET A 279 0.10 -11.34 -12.71
N ALA A 280 -0.49 -12.51 -12.94
CA ALA A 280 -0.70 -12.92 -14.32
C ALA A 280 -1.92 -12.22 -14.95
N SER A 281 -2.54 -11.30 -14.22
CA SER A 281 -3.70 -10.65 -14.79
C SER A 281 -3.51 -9.17 -15.08
N ILE A 282 -2.30 -8.67 -14.86
CA ILE A 282 -2.04 -7.26 -15.13
C ILE A 282 -1.75 -7.08 -16.62
N PRO A 283 -2.43 -6.13 -17.28
CA PRO A 283 -2.24 -5.86 -18.71
C PRO A 283 -0.95 -5.09 -19.06
N VAL A 284 -0.82 -4.72 -20.34
CA VAL A 284 0.33 -3.98 -20.85
C VAL A 284 1.65 -4.77 -20.75
MG MG B . 20.54 -11.10 -9.55
ZN ZN C . 27.63 0.95 -6.75
P PO4 D . 0.42 -0.67 7.42
O1 PO4 D . 0.63 -0.76 8.87
O2 PO4 D . -0.02 -2.01 6.91
O3 PO4 D . -0.62 0.34 7.11
O4 PO4 D . 1.72 -0.28 6.75
N9 GU7 E . -5.13 -2.99 12.44
C8 GU7 E . -4.22 -2.27 11.70
N7 GU7 E . -4.35 -0.99 11.90
C5 GU7 E . -5.38 -0.82 12.80
C6 GU7 E . -5.97 0.37 13.35
O6 GU7 E . -5.67 1.56 13.09
N1 GU7 E . -7.02 0.09 14.24
C2 GU7 E . -7.43 -1.20 14.60
N2 GU7 E . -8.40 -1.32 15.56
N3 GU7 E . -6.84 -2.33 14.10
C4 GU7 E . -5.84 -2.06 13.21
C10 GU7 E . -3.60 0.11 11.29
C11 GU7 E . -2.57 0.71 12.21
N12 GU7 E . -1.34 -0.04 11.96
C13 GU7 E . -0.27 0.26 12.92
C14 GU7 E . -0.35 -0.68 14.11
O15 GU7 E . -0.88 -1.91 13.72
C16 GU7 E . 1.08 -0.04 12.28
O17 GU7 E . 1.21 0.62 11.03
#